data_5ZVB
#
_entry.id   5ZVB
#
_cell.length_a   60.990
_cell.length_b   92.702
_cell.length_c   93.674
_cell.angle_alpha   90.000
_cell.angle_beta   90.000
_cell.angle_gamma   90.000
#
_symmetry.space_group_name_H-M   'P 21 21 21'
#
loop_
_entity.id
_entity.type
_entity.pdbx_description
1 polymer APEBEC3F/ssDNA-T9
2 polymer "DNA (5'-D(*AP*TP*TP*TP*TP*CP*AP*AP*T)-3')"
3 non-polymer 'ZINC ION'
4 non-polymer 'CACODYLATE ION'
5 water water
#
loop_
_entity_poly.entity_id
_entity_poly.type
_entity_poly.pdbx_seq_one_letter_code
_entity_poly.pdbx_strand_id
1 'polypeptide(L)'
;(MSE)AHHHHHHVDDDDK(MSE)LVPRGSENLYFQGSA(MSE)DPPTFTFNFNNEPWVRGRHETYLCFT(MSE)EVVKHH
SPVSWKRGVFRNQVDPETHCHAERCFLSWFCDDILSPNTNYEVTWYTSWSPCPECAGEVAEFLARHSNVNLTIFTARLYY
FWDTDYQEGLRSLSQEGASVEI(MSE)GYKDFKYCWENFVYNDDEPFKPWKGLKYNFLFLDSKLQEILE
;
A,B
2 'polydeoxyribonucleotide' (DA)(DT)(DT)(DT)(DT)(DC)(DA)(DA)(DT) C
#
# COMPACT_ATOMS: atom_id res chain seq x y z
N TYR A 25 38.48 -2.12 4.43
CA TYR A 25 37.30 -1.77 5.27
C TYR A 25 36.06 -1.42 4.42
N PHE A 26 36.24 -0.52 3.46
CA PHE A 26 35.20 -0.16 2.51
C PHE A 26 35.65 -0.57 1.12
N GLN A 27 34.90 -1.48 0.48
CA GLN A 27 35.18 -1.90 -0.89
C GLN A 27 34.62 -0.89 -1.91
N GLY A 28 35.50 -0.38 -2.78
CA GLY A 28 35.09 0.62 -3.77
C GLY A 28 35.00 2.03 -3.20
N SER A 29 34.19 2.88 -3.84
CA SER A 29 34.11 4.29 -3.45
C SER A 29 32.72 4.68 -2.99
N ALA A 30 32.63 5.42 -1.88
CA ALA A 30 31.33 5.96 -1.44
C ALA A 30 30.85 7.02 -2.44
N ASP A 32 29.14 10.63 -3.66
CA ASP A 32 28.83 12.00 -3.19
C ASP A 32 27.31 12.15 -3.08
N PRO A 33 26.82 13.07 -2.22
CA PRO A 33 25.36 13.17 -2.04
C PRO A 33 24.52 13.35 -3.32
N PRO A 34 24.90 14.29 -4.24
CA PRO A 34 24.06 14.44 -5.44
C PRO A 34 23.98 13.17 -6.31
N THR A 35 25.06 12.39 -6.34
CA THR A 35 25.06 11.10 -7.06
C THR A 35 24.08 10.11 -6.45
N PHE A 36 24.08 10.00 -5.12
CA PHE A 36 23.14 9.13 -4.42
C PHE A 36 21.71 9.58 -4.65
N THR A 37 21.46 10.87 -4.46
CA THR A 37 20.11 11.41 -4.62
C THR A 37 19.57 11.13 -6.02
N PHE A 38 20.39 11.38 -7.03
CA PHE A 38 20.05 11.08 -8.41
C PHE A 38 19.78 9.59 -8.63
N ASN A 39 20.67 8.74 -8.15
CA ASN A 39 20.64 7.31 -8.47
C ASN A 39 19.67 6.47 -7.69
N PHE A 40 19.31 6.94 -6.50
CA PHE A 40 18.40 6.16 -5.66
C PHE A 40 16.98 6.69 -5.65
N ASN A 41 16.74 7.73 -6.45
CA ASN A 41 15.38 8.22 -6.66
C ASN A 41 14.48 7.06 -7.11
N ASN A 42 13.31 6.93 -6.49
CA ASN A 42 12.49 5.74 -6.72
C ASN A 42 11.20 5.93 -7.53
N GLU A 43 11.13 6.98 -8.34
CA GLU A 43 10.06 7.09 -9.35
C GLU A 43 10.14 5.85 -10.26
N PRO A 44 9.03 5.12 -10.44
CA PRO A 44 9.10 3.84 -11.16
C PRO A 44 9.64 3.93 -12.60
N TRP A 45 9.49 5.08 -13.26
CA TRP A 45 9.96 5.21 -14.66
C TRP A 45 11.02 6.30 -14.91
N VAL A 46 11.89 6.56 -13.96
CA VAL A 46 12.89 7.64 -14.12
C VAL A 46 13.70 7.55 -15.40
N ARG A 47 13.98 8.71 -15.99
CA ARG A 47 14.82 8.79 -17.18
C ARG A 47 16.27 9.05 -16.77
N GLY A 48 17.21 8.59 -17.58
CA GLY A 48 18.59 9.02 -17.48
C GLY A 48 19.47 8.39 -16.43
N ARG A 49 19.04 7.25 -15.88
CA ARG A 49 19.84 6.49 -14.89
C ARG A 49 20.50 5.31 -15.58
N HIS A 50 21.67 5.56 -16.18
CA HIS A 50 22.35 4.54 -17.00
C HIS A 50 23.26 3.64 -16.18
N GLU A 51 23.53 4.05 -14.95
CA GLU A 51 24.38 3.28 -14.05
C GLU A 51 23.52 2.43 -13.10
N THR A 52 24.05 1.30 -12.67
CA THR A 52 23.51 0.54 -11.56
C THR A 52 24.50 0.68 -10.40
N TYR A 53 24.02 1.24 -9.29
CA TYR A 53 24.77 1.24 -8.05
C TYR A 53 24.31 0.11 -7.15
N LEU A 54 25.46 -0.57 -6.69
CA LEU A 54 25.23 -1.76 -5.88
C LEU A 54 25.95 -1.67 -4.55
N CYS A 55 25.23 -1.22 -3.52
CA CYS A 55 25.80 -1.08 -2.19
C CYS A 55 25.59 -2.39 -1.47
N PHE A 56 26.53 -2.77 -0.60
CA PHE A 56 26.38 -4.04 0.12
C PHE A 56 26.87 -3.96 1.55
N THR A 57 26.25 -4.75 2.43
CA THR A 57 26.83 -5.09 3.71
C THR A 57 26.85 -6.61 3.81
N GLU A 59 27.70 -9.76 6.77
CA GLU A 59 28.16 -10.34 8.03
C GLU A 59 28.89 -11.65 7.73
N VAL A 60 30.13 -11.73 8.19
CA VAL A 60 30.99 -12.89 8.02
C VAL A 60 31.01 -13.66 9.35
N VAL A 61 30.47 -14.87 9.35
CA VAL A 61 30.29 -15.66 10.57
C VAL A 61 31.11 -16.94 10.50
N LYS A 62 32.13 -17.04 11.34
CA LYS A 62 32.97 -18.23 11.44
C LYS A 62 32.98 -18.73 12.89
N HIS A 63 32.75 -20.04 13.06
CA HIS A 63 32.48 -20.62 14.38
C HIS A 63 33.38 -20.19 15.54
N HIS A 64 34.69 -20.25 15.36
CA HIS A 64 35.62 -19.97 16.47
C HIS A 64 36.31 -18.61 16.41
N SER A 65 35.74 -17.72 15.61
CA SER A 65 36.24 -16.35 15.43
C SER A 65 35.11 -15.37 15.76
N PRO A 66 35.46 -14.11 16.13
CA PRO A 66 34.40 -13.11 16.26
C PRO A 66 33.78 -12.81 14.89
N VAL A 67 32.49 -12.52 14.86
CA VAL A 67 31.82 -12.14 13.61
C VAL A 67 32.45 -10.84 13.08
N SER A 68 32.56 -10.74 11.77
CA SER A 68 33.16 -9.58 11.13
C SER A 68 32.25 -9.05 10.03
N TRP A 69 32.51 -7.83 9.59
CA TRP A 69 31.63 -7.14 8.66
C TRP A 69 32.41 -6.51 7.53
N LYS A 70 31.82 -6.51 6.34
CA LYS A 70 32.37 -5.73 5.23
C LYS A 70 31.26 -4.97 4.52
N ARG A 71 31.62 -3.86 3.90
CA ARG A 71 30.66 -3.00 3.23
C ARG A 71 31.34 -2.41 2.03
N GLY A 72 30.56 -1.99 1.03
CA GLY A 72 31.13 -1.29 -0.11
C GLY A 72 30.11 -0.99 -1.20
N VAL A 73 30.60 -0.58 -2.36
CA VAL A 73 29.79 -0.11 -3.48
C VAL A 73 30.42 -0.65 -4.77
N PHE A 74 29.61 -1.28 -5.60
CA PHE A 74 30.02 -1.71 -6.93
C PHE A 74 29.19 -0.93 -7.92
N ARG A 75 29.79 -0.62 -9.06
CA ARG A 75 29.09 -0.07 -10.23
C ARG A 75 29.29 -1.01 -11.41
N ASN A 76 28.63 -0.71 -12.53
CA ASN A 76 28.91 -1.44 -13.77
C ASN A 76 30.36 -1.28 -14.24
N GLN A 77 30.90 -2.37 -14.82
CA GLN A 77 32.21 -2.45 -15.48
C GLN A 77 33.37 -1.99 -14.60
N HIS A 83 31.88 -10.30 -15.94
CA HIS A 83 32.04 -9.50 -14.74
C HIS A 83 31.75 -8.00 -15.05
N CYS A 84 31.04 -7.74 -16.15
CA CYS A 84 30.71 -6.38 -16.53
C CYS A 84 29.70 -5.70 -15.59
N HIS A 85 28.46 -6.19 -15.53
CA HIS A 85 27.43 -5.56 -14.66
C HIS A 85 27.81 -5.66 -13.19
N ALA A 86 27.31 -4.69 -12.40
CA ALA A 86 27.62 -4.58 -10.96
C ALA A 86 27.44 -5.89 -10.20
N GLU A 87 26.33 -6.58 -10.48
CA GLU A 87 26.01 -7.86 -9.82
C GLU A 87 27.11 -8.89 -10.07
N ARG A 88 27.57 -8.97 -11.32
CA ARG A 88 28.65 -9.87 -11.67
C ARG A 88 30.02 -9.45 -11.09
N CYS A 89 30.26 -8.12 -11.01
CA CYS A 89 31.47 -7.59 -10.36
C CYS A 89 31.49 -8.00 -8.91
N PHE A 90 30.34 -7.90 -8.24
CA PHE A 90 30.24 -8.35 -6.86
C PHE A 90 30.58 -9.84 -6.71
N LEU A 91 29.97 -10.69 -7.54
CA LEU A 91 30.19 -12.16 -7.46
C LEU A 91 31.65 -12.55 -7.68
N SER A 92 32.27 -11.90 -8.67
CA SER A 92 33.66 -12.16 -9.02
C SER A 92 34.62 -11.72 -7.89
N TRP A 93 34.40 -10.53 -7.31
CA TRP A 93 35.18 -10.08 -6.15
C TRP A 93 35.01 -11.03 -4.95
N PHE A 94 33.75 -11.34 -4.62
CA PHE A 94 33.44 -12.23 -3.50
C PHE A 94 34.16 -13.58 -3.64
N CYS A 95 34.08 -14.19 -4.82
CA CYS A 95 34.74 -15.47 -5.06
C CYS A 95 36.27 -15.38 -5.03
N ASP A 96 36.83 -14.30 -5.55
CA ASP A 96 38.27 -14.14 -5.66
C ASP A 96 38.96 -13.68 -4.37
N ASP A 97 38.25 -12.95 -3.53
CA ASP A 97 38.83 -12.34 -2.33
C ASP A 97 38.27 -12.81 -1.00
N ILE A 98 37.02 -13.29 -0.99
CA ILE A 98 36.30 -13.46 0.28
C ILE A 98 35.95 -14.91 0.66
N LEU A 99 35.28 -15.63 -0.25
CA LEU A 99 34.69 -16.94 0.08
C LEU A 99 35.69 -17.89 0.73
N SER A 100 35.37 -18.34 1.95
CA SER A 100 36.23 -19.27 2.70
C SER A 100 35.44 -20.45 3.27
N PRO A 101 36.11 -21.60 3.49
CA PRO A 101 35.45 -22.76 4.10
C PRO A 101 35.02 -22.48 5.54
N ASN A 102 34.03 -23.23 6.00
CA ASN A 102 33.48 -23.17 7.37
C ASN A 102 32.99 -21.79 7.78
N THR A 103 32.51 -21.03 6.79
CA THR A 103 32.06 -19.67 7.02
C THR A 103 30.70 -19.46 6.38
N ASN A 104 29.80 -18.84 7.15
CA ASN A 104 28.52 -18.41 6.64
C ASN A 104 28.54 -16.92 6.35
N TYR A 105 27.82 -16.53 5.30
CA TYR A 105 27.78 -15.14 4.87
C TYR A 105 26.34 -14.65 4.79
N GLU A 106 26.09 -13.53 5.47
CA GLU A 106 24.79 -12.87 5.43
C GLU A 106 24.98 -11.57 4.65
N VAL A 107 24.53 -11.60 3.39
CA VAL A 107 24.80 -10.50 2.46
C VAL A 107 23.51 -9.76 2.17
N THR A 108 23.60 -8.43 2.22
CA THR A 108 22.51 -7.54 1.84
C THR A 108 22.98 -6.63 0.74
N TRP A 109 22.23 -6.61 -0.36
CA TRP A 109 22.45 -5.62 -1.43
C TRP A 109 21.40 -4.51 -1.37
N TYR A 110 21.83 -3.29 -1.67
CA TYR A 110 20.93 -2.16 -1.90
C TYR A 110 21.28 -1.66 -3.28
N THR A 111 20.42 -1.98 -4.25
CA THR A 111 20.72 -1.72 -5.66
C THR A 111 19.83 -0.60 -6.16
N SER A 112 20.35 0.24 -7.04
CA SER A 112 19.51 1.31 -7.62
C SER A 112 18.54 0.75 -8.66
N TRP A 113 18.98 -0.23 -9.44
CA TRP A 113 18.12 -0.97 -10.39
C TRP A 113 18.16 -2.43 -10.00
N SER A 114 17.06 -3.15 -10.24
CA SER A 114 17.04 -4.61 -10.06
C SER A 114 17.76 -5.30 -11.23
N PRO A 115 18.10 -6.60 -11.11
CA PRO A 115 18.98 -7.21 -12.13
C PRO A 115 18.34 -7.52 -13.49
N CYS A 116 19.16 -7.51 -14.53
CA CYS A 116 18.76 -8.05 -15.84
C CYS A 116 18.62 -9.59 -15.74
N PRO A 117 18.02 -10.25 -16.77
CA PRO A 117 17.88 -11.71 -16.63
C PRO A 117 19.20 -12.51 -16.59
N GLU A 118 20.22 -12.04 -17.31
CA GLU A 118 21.53 -12.72 -17.33
C GLU A 118 22.19 -12.65 -15.95
N CYS A 119 22.17 -11.47 -15.32
CA CYS A 119 22.68 -11.31 -13.96
C CYS A 119 21.89 -12.14 -12.95
N ALA A 120 20.55 -12.05 -13.03
CA ALA A 120 19.67 -12.80 -12.14
C ALA A 120 19.99 -14.30 -12.17
N GLY A 121 20.21 -14.82 -13.38
CA GLY A 121 20.53 -16.25 -13.58
C GLY A 121 21.88 -16.61 -12.98
N GLU A 122 22.84 -15.71 -13.16
CA GLU A 122 24.18 -15.93 -12.59
C GLU A 122 24.17 -15.87 -11.05
N VAL A 123 23.49 -14.89 -10.48
CA VAL A 123 23.32 -14.82 -9.03
C VAL A 123 22.57 -16.06 -8.48
N ALA A 124 21.51 -16.50 -9.17
CA ALA A 124 20.75 -17.67 -8.74
C ALA A 124 21.60 -18.94 -8.72
N GLU A 125 22.42 -19.12 -9.76
CA GLU A 125 23.33 -20.27 -9.86
C GLU A 125 24.44 -20.20 -8.81
N PHE A 126 24.92 -18.98 -8.55
CA PHE A 126 25.88 -18.73 -7.46
C PHE A 126 25.31 -19.19 -6.12
N LEU A 127 24.06 -18.80 -5.85
CA LEU A 127 23.38 -19.17 -4.61
C LEU A 127 23.13 -20.67 -4.52
N ALA A 128 22.83 -21.32 -5.65
CA ALA A 128 22.65 -22.77 -5.68
C ALA A 128 23.98 -23.45 -5.39
N ARG A 129 25.06 -22.89 -5.94
CA ARG A 129 26.40 -23.44 -5.78
C ARG A 129 26.98 -23.23 -4.36
N HIS A 130 26.56 -22.16 -3.70
CA HIS A 130 27.12 -21.76 -2.40
C HIS A 130 26.05 -21.64 -1.33
N SER A 131 25.75 -22.78 -0.72
CA SER A 131 24.69 -22.89 0.27
C SER A 131 24.94 -22.09 1.56
N ASN A 132 26.21 -21.77 1.80
CA ASN A 132 26.62 -20.98 2.97
C ASN A 132 26.46 -19.46 2.77
N VAL A 133 25.99 -19.06 1.60
CA VAL A 133 25.69 -17.66 1.32
C VAL A 133 24.18 -17.39 1.33
N ASN A 134 23.77 -16.47 2.22
CA ASN A 134 22.40 -15.98 2.27
C ASN A 134 22.33 -14.56 1.70
N LEU A 135 21.49 -14.36 0.68
CA LEU A 135 21.38 -13.05 0.03
C LEU A 135 20.01 -12.38 0.22
N THR A 136 20.05 -11.14 0.69
CA THR A 136 18.88 -10.26 0.75
C THR A 136 19.09 -9.09 -0.18
N ILE A 137 18.17 -8.92 -1.13
CA ILE A 137 18.25 -7.80 -2.08
C ILE A 137 17.14 -6.77 -1.82
N PHE A 138 17.56 -5.53 -1.63
CA PHE A 138 16.68 -4.36 -1.58
C PHE A 138 16.96 -3.55 -2.85
N THR A 139 15.92 -3.23 -3.61
CA THR A 139 16.11 -2.43 -4.82
C THR A 139 15.30 -1.12 -4.79
N ALA A 140 15.92 -0.03 -5.21
CA ALA A 140 15.20 1.25 -5.31
C ALA A 140 14.10 1.21 -6.37
N ARG A 141 14.43 0.64 -7.53
CA ARG A 141 13.56 0.59 -8.70
C ARG A 141 13.60 -0.79 -9.35
N LEU A 142 12.57 -1.09 -10.12
CA LEU A 142 12.49 -2.34 -10.85
C LEU A 142 12.81 -2.10 -12.30
N TYR A 143 13.85 -2.78 -12.78
CA TYR A 143 14.34 -2.60 -14.12
C TYR A 143 13.47 -3.43 -15.09
N TYR A 144 12.84 -2.76 -16.07
CA TYR A 144 11.93 -3.43 -17.03
C TYR A 144 10.91 -4.36 -16.38
N PHE A 145 10.24 -3.91 -15.33
CA PHE A 145 9.31 -4.76 -14.56
C PHE A 145 8.13 -5.27 -15.40
N TRP A 146 7.84 -4.60 -16.50
CA TRP A 146 6.74 -5.00 -17.39
C TRP A 146 7.16 -6.06 -18.43
N ASP A 147 8.44 -6.38 -18.49
CA ASP A 147 8.96 -7.36 -19.46
C ASP A 147 9.04 -8.73 -18.78
N THR A 148 8.45 -9.74 -19.43
CA THR A 148 8.37 -11.11 -18.89
C THR A 148 9.73 -11.76 -18.63
N ASP A 149 10.70 -11.50 -19.52
CA ASP A 149 12.08 -11.98 -19.32
C ASP A 149 12.69 -11.49 -18.02
N TYR A 150 12.45 -10.22 -17.69
CA TYR A 150 12.95 -9.62 -16.44
C TYR A 150 12.19 -10.12 -15.23
N GLN A 151 10.88 -10.32 -15.40
CA GLN A 151 10.03 -10.91 -14.35
C GLN A 151 10.53 -12.32 -13.99
N GLU A 152 10.80 -13.15 -14.99
CA GLU A 152 11.33 -14.48 -14.73
C GLU A 152 12.66 -14.46 -13.98
N GLY A 153 13.51 -13.47 -14.30
CA GLY A 153 14.80 -13.29 -13.63
C GLY A 153 14.61 -13.08 -12.14
N LEU A 154 13.68 -12.19 -11.80
CA LEU A 154 13.35 -11.91 -10.40
C LEU A 154 12.80 -13.14 -9.68
N ARG A 155 11.94 -13.87 -10.37
CA ARG A 155 11.35 -15.11 -9.87
C ARG A 155 12.42 -16.16 -9.60
N SER A 156 13.37 -16.30 -10.51
CA SER A 156 14.41 -17.33 -10.36
C SER A 156 15.33 -17.02 -9.16
N LEU A 157 15.64 -15.74 -8.96
CA LEU A 157 16.35 -15.30 -7.75
C LEU A 157 15.61 -15.69 -6.47
N SER A 158 14.31 -15.42 -6.44
CA SER A 158 13.49 -15.71 -5.27
C SER A 158 13.43 -17.23 -5.02
N GLN A 159 13.31 -17.99 -6.11
CA GLN A 159 13.20 -19.46 -6.03
C GLN A 159 14.49 -20.11 -5.54
N GLU A 160 15.63 -19.45 -5.72
CA GLU A 160 16.91 -19.95 -5.18
C GLU A 160 17.22 -19.43 -3.78
N GLY A 161 16.28 -18.72 -3.15
CA GLY A 161 16.40 -18.35 -1.75
C GLY A 161 16.80 -16.92 -1.44
N ALA A 162 17.07 -16.13 -2.47
CA ALA A 162 17.27 -14.70 -2.28
C ALA A 162 15.93 -14.06 -1.94
N SER A 163 15.91 -13.23 -0.90
CA SER A 163 14.72 -12.41 -0.66
C SER A 163 14.88 -11.13 -1.47
N VAL A 164 13.88 -10.86 -2.31
CA VAL A 164 13.87 -9.63 -3.12
C VAL A 164 12.84 -8.69 -2.53
N GLU A 165 13.27 -7.46 -2.21
CA GLU A 165 12.41 -6.42 -1.64
C GLU A 165 12.64 -5.05 -2.29
N ILE A 166 11.64 -4.18 -2.22
CA ILE A 166 11.77 -2.78 -2.62
C ILE A 166 12.29 -1.97 -1.42
N GLY A 168 12.50 0.91 1.16
CA GLY A 168 11.60 1.89 1.75
C GLY A 168 12.45 2.95 2.43
N TYR A 169 11.79 3.87 3.12
CA TYR A 169 12.46 4.98 3.83
C TYR A 169 13.66 4.49 4.64
N LYS A 170 13.45 3.47 5.48
CA LYS A 170 14.51 2.96 6.34
C LYS A 170 15.75 2.51 5.55
N ASP A 171 15.54 1.96 4.36
CA ASP A 171 16.66 1.46 3.54
C ASP A 171 17.42 2.58 2.84
N PHE A 172 16.69 3.57 2.32
CA PHE A 172 17.33 4.80 1.82
C PHE A 172 18.12 5.51 2.91
N LYS A 173 17.55 5.62 4.10
CA LYS A 173 18.22 6.24 5.25
C LYS A 173 19.49 5.47 5.58
N TYR A 174 19.42 4.14 5.59
CA TYR A 174 20.58 3.33 5.91
C TYR A 174 21.71 3.51 4.88
N CYS A 175 21.36 3.55 3.60
CA CYS A 175 22.32 3.76 2.53
C CYS A 175 22.98 5.13 2.59
N TRP A 176 22.18 6.15 2.86
CA TRP A 176 22.69 7.53 3.09
C TRP A 176 23.73 7.57 4.20
N GLU A 177 23.47 6.79 5.25
CA GLU A 177 24.34 6.78 6.41
C GLU A 177 25.62 5.99 6.15
N ASN A 178 25.55 5.01 5.26
CA ASN A 178 26.63 4.03 5.16
C ASN A 178 27.44 4.05 3.87
N PHE A 179 26.88 4.59 2.79
CA PHE A 179 27.55 4.48 1.49
C PHE A 179 27.72 5.84 0.82
N VAL A 180 27.43 6.90 1.56
CA VAL A 180 27.47 8.26 1.01
C VAL A 180 28.38 9.12 1.89
N TYR A 181 29.18 10.01 1.28
CA TYR A 181 29.86 11.08 2.03
C TYR A 181 28.83 12.11 2.49
N ASN A 182 28.07 11.76 3.53
CA ASN A 182 26.93 12.57 3.98
C ASN A 182 27.31 13.79 4.84
N ASP A 183 28.59 13.90 5.18
CA ASP A 183 29.14 15.00 6.00
C ASP A 183 28.32 15.25 7.28
N ASP A 184 27.80 14.16 7.86
CA ASP A 184 27.00 14.15 9.12
C ASP A 184 25.61 14.80 9.01
N GLU A 185 25.17 15.07 7.79
CA GLU A 185 23.83 15.59 7.51
C GLU A 185 22.82 14.45 7.53
N PRO A 186 21.61 14.68 8.10
CA PRO A 186 20.58 13.63 8.07
C PRO A 186 20.05 13.35 6.66
N PHE A 187 19.49 12.17 6.45
CA PHE A 187 18.86 11.83 5.20
C PHE A 187 17.67 12.76 4.95
N LYS A 188 17.53 13.28 3.72
CA LYS A 188 16.35 14.07 3.34
C LYS A 188 15.50 13.28 2.36
N PRO A 189 14.38 12.70 2.83
CA PRO A 189 13.51 11.96 1.90
C PRO A 189 12.84 12.90 0.88
N TRP A 190 12.69 12.43 -0.36
CA TRP A 190 12.06 13.18 -1.45
C TRP A 190 10.55 12.95 -1.47
N LYS A 191 9.83 13.92 -2.02
CA LYS A 191 8.39 13.79 -2.13
C LYS A 191 8.07 12.61 -3.05
N GLY A 192 7.08 11.80 -2.65
CA GLY A 192 6.71 10.63 -3.43
C GLY A 192 7.42 9.35 -3.03
N LEU A 193 8.42 9.44 -2.14
CA LEU A 193 9.20 8.25 -1.75
C LEU A 193 8.33 7.07 -1.31
N LYS A 194 7.37 7.32 -0.41
CA LYS A 194 6.50 6.25 0.09
C LYS A 194 5.49 5.77 -0.96
N TYR A 195 4.87 6.71 -1.67
CA TYR A 195 3.92 6.32 -2.73
C TYR A 195 4.64 5.46 -3.77
N ASN A 196 5.87 5.83 -4.12
CA ASN A 196 6.68 5.05 -5.06
C ASN A 196 6.97 3.65 -4.55
N PHE A 197 7.38 3.57 -3.28
CA PHE A 197 7.55 2.29 -2.62
C PHE A 197 6.30 1.41 -2.77
N LEU A 198 5.13 1.99 -2.49
CA LEU A 198 3.87 1.23 -2.51
C LEU A 198 3.53 0.70 -3.89
N PHE A 199 3.73 1.53 -4.91
CA PHE A 199 3.54 1.10 -6.28
C PHE A 199 4.48 -0.07 -6.65
N LEU A 200 5.77 0.12 -6.39
CA LEU A 200 6.80 -0.86 -6.72
C LEU A 200 6.67 -2.19 -5.98
N ASP A 201 6.34 -2.12 -4.69
CA ASP A 201 6.08 -3.34 -3.93
C ASP A 201 4.89 -4.13 -4.48
N SER A 202 3.85 -3.41 -4.91
CA SER A 202 2.67 -4.02 -5.54
C SER A 202 3.08 -4.79 -6.79
N LYS A 203 3.92 -4.16 -7.62
CA LYS A 203 4.41 -4.80 -8.85
C LYS A 203 5.26 -6.02 -8.54
N LEU A 204 6.13 -5.88 -7.55
CA LEU A 204 7.01 -6.98 -7.16
C LEU A 204 6.23 -8.22 -6.72
N GLN A 205 5.21 -8.01 -5.87
CA GLN A 205 4.41 -9.12 -5.36
C GLN A 205 3.60 -9.80 -6.45
N GLU A 206 3.07 -9.01 -7.40
CA GLU A 206 2.47 -9.58 -8.62
C GLU A 206 3.46 -10.44 -9.40
N ILE A 207 4.71 -10.01 -9.47
CA ILE A 207 5.75 -10.77 -10.19
C ILE A 207 6.11 -12.05 -9.43
N LEU A 208 6.28 -11.93 -8.11
CA LEU A 208 6.74 -13.07 -7.32
C LEU A 208 5.67 -14.11 -7.04
N GLU A 209 4.41 -13.71 -7.20
CA GLU A 209 3.25 -14.54 -6.85
C GLU A 209 3.23 -15.86 -7.64
N TYR B 25 -34.33 -3.05 -7.66
CA TYR B 25 -33.64 -4.02 -6.76
C TYR B 25 -32.29 -3.49 -6.25
N PHE B 26 -31.45 -3.05 -7.18
CA PHE B 26 -30.13 -2.49 -6.87
C PHE B 26 -30.17 -1.01 -7.25
N GLN B 27 -29.89 -0.15 -6.27
CA GLN B 27 -29.85 1.29 -6.48
C GLN B 27 -28.47 1.72 -6.98
N GLY B 28 -28.44 2.48 -8.07
CA GLY B 28 -27.19 2.86 -8.74
C GLY B 28 -26.55 1.67 -9.45
N SER B 29 -25.24 1.74 -9.66
CA SER B 29 -24.52 0.71 -10.41
C SER B 29 -23.48 0.03 -9.55
N ALA B 30 -23.37 -1.30 -9.71
CA ALA B 30 -22.33 -2.08 -9.05
C ALA B 30 -20.97 -1.70 -9.64
N ASP B 32 -17.04 -2.14 -11.13
CA ASP B 32 -16.04 -2.98 -11.80
C ASP B 32 -14.98 -3.38 -10.76
N PRO B 33 -14.43 -4.61 -10.85
CA PRO B 33 -13.46 -5.01 -9.81
C PRO B 33 -12.25 -4.07 -9.64
N PRO B 34 -11.62 -3.59 -10.75
CA PRO B 34 -10.48 -2.70 -10.50
C PRO B 34 -10.88 -1.35 -9.88
N THR B 35 -12.11 -0.90 -10.13
CA THR B 35 -12.63 0.33 -9.52
C THR B 35 -12.79 0.16 -8.01
N PHE B 36 -13.34 -0.98 -7.60
CA PHE B 36 -13.44 -1.27 -6.17
C PHE B 36 -12.04 -1.30 -5.54
N THR B 37 -11.13 -2.05 -6.14
CA THR B 37 -9.81 -2.27 -5.56
C THR B 37 -9.05 -0.95 -5.40
N PHE B 38 -9.15 -0.09 -6.41
CA PHE B 38 -8.55 1.25 -6.38
C PHE B 38 -9.16 2.15 -5.31
N ASN B 39 -10.49 2.23 -5.30
CA ASN B 39 -11.18 3.14 -4.40
C ASN B 39 -11.31 2.70 -2.95
N PHE B 40 -11.24 1.38 -2.71
CA PHE B 40 -11.36 0.89 -1.33
C PHE B 40 -10.05 0.46 -0.67
N ASN B 41 -8.93 0.70 -1.36
CA ASN B 41 -7.62 0.46 -0.75
C ASN B 41 -7.51 1.27 0.54
N ASN B 42 -7.00 0.64 1.59
CA ASN B 42 -7.03 1.25 2.92
C ASN B 42 -5.67 1.69 3.47
N GLU B 43 -4.73 2.03 2.58
CA GLU B 43 -3.56 2.83 3.01
C GLU B 43 -4.10 4.12 3.63
N PRO B 44 -3.48 4.60 4.72
CA PRO B 44 -3.98 5.82 5.39
C PRO B 44 -3.97 7.03 4.46
N TRP B 45 -2.99 7.11 3.58
CA TRP B 45 -2.93 8.14 2.54
C TRP B 45 -2.93 7.49 1.18
N VAL B 46 -3.81 7.96 0.29
CA VAL B 46 -3.83 7.54 -1.10
C VAL B 46 -3.89 8.76 -2.01
N ARG B 47 -3.28 8.68 -3.20
CA ARG B 47 -3.43 9.78 -4.14
C ARG B 47 -4.31 9.44 -5.33
N GLY B 48 -4.95 10.46 -5.87
CA GLY B 48 -5.77 10.34 -7.08
C GLY B 48 -7.13 9.72 -6.88
N ARG B 49 -7.62 9.67 -5.65
CA ARG B 49 -8.98 9.16 -5.40
C ARG B 49 -9.99 10.30 -5.37
N HIS B 50 -10.34 10.82 -6.54
CA HIS B 50 -11.20 12.00 -6.67
C HIS B 50 -12.68 11.76 -6.35
N GLU B 51 -13.07 10.51 -6.17
CA GLU B 51 -14.46 10.13 -5.97
C GLU B 51 -14.65 9.58 -4.58
N THR B 52 -15.88 9.66 -4.07
CA THR B 52 -16.27 8.93 -2.87
C THR B 52 -17.33 7.91 -3.24
N TYR B 53 -17.06 6.65 -2.90
CA TYR B 53 -18.04 5.58 -3.12
C TYR B 53 -18.66 5.21 -1.81
N LEU B 54 -20.05 5.11 -1.87
CA LEU B 54 -20.88 4.84 -0.70
C LEU B 54 -21.84 3.67 -0.95
N CYS B 55 -21.42 2.48 -0.54
CA CYS B 55 -22.24 1.29 -0.72
C CYS B 55 -23.20 1.24 0.46
N PHE B 56 -24.41 0.72 0.25
CA PHE B 56 -25.34 0.58 1.37
C PHE B 56 -26.15 -0.68 1.36
N THR B 57 -26.60 -1.07 2.55
CA THR B 57 -27.68 -2.04 2.74
C THR B 57 -28.70 -1.39 3.68
N GLU B 59 -32.25 -2.58 5.94
CA GLU B 59 -33.31 -3.46 6.37
C GLU B 59 -34.54 -2.61 6.67
N VAL B 60 -35.64 -2.93 5.99
CA VAL B 60 -36.87 -2.16 6.10
C VAL B 60 -37.90 -2.98 6.87
N VAL B 61 -38.27 -2.47 8.05
CA VAL B 61 -39.18 -3.15 8.96
C VAL B 61 -40.47 -2.34 9.18
N LYS B 62 -41.59 -2.95 8.81
CA LYS B 62 -42.89 -2.33 8.96
C LYS B 62 -43.86 -3.41 9.40
N HIS B 63 -44.61 -3.14 10.47
CA HIS B 63 -45.51 -4.13 11.04
C HIS B 63 -46.62 -4.51 10.07
N HIS B 64 -47.03 -5.78 10.14
CA HIS B 64 -48.00 -6.41 9.23
C HIS B 64 -47.47 -6.56 7.80
N SER B 65 -46.18 -6.30 7.63
CA SER B 65 -45.51 -6.49 6.37
C SER B 65 -44.25 -7.31 6.60
N PRO B 66 -43.87 -8.18 5.64
CA PRO B 66 -42.60 -8.88 5.80
C PRO B 66 -41.43 -7.92 5.71
N VAL B 67 -40.38 -8.21 6.48
CA VAL B 67 -39.12 -7.46 6.42
C VAL B 67 -38.59 -7.47 4.98
N SER B 68 -38.16 -6.29 4.52
CA SER B 68 -37.61 -6.14 3.17
C SER B 68 -36.23 -5.48 3.19
N TRP B 69 -35.50 -5.63 2.09
CA TRP B 69 -34.11 -5.17 1.97
C TRP B 69 -33.91 -4.36 0.70
N LYS B 70 -33.02 -3.37 0.80
CA LYS B 70 -32.55 -2.58 -0.34
C LYS B 70 -31.03 -2.47 -0.24
N ARG B 71 -30.37 -2.37 -1.39
CA ARG B 71 -28.92 -2.16 -1.43
C ARG B 71 -28.54 -1.37 -2.68
N GLY B 72 -27.34 -0.79 -2.65
CA GLY B 72 -26.81 -0.13 -3.83
C GLY B 72 -25.57 0.68 -3.58
N VAL B 73 -25.27 1.56 -4.55
CA VAL B 73 -24.03 2.32 -4.58
C VAL B 73 -24.34 3.75 -4.98
N PHE B 74 -23.87 4.70 -4.19
CA PHE B 74 -23.92 6.10 -4.57
C PHE B 74 -22.49 6.59 -4.73
N ARG B 75 -22.31 7.60 -5.57
CA ARG B 75 -21.07 8.37 -5.64
C ARG B 75 -21.40 9.87 -5.77
N ASN B 76 -20.38 10.72 -5.81
CA ASN B 76 -20.60 12.17 -6.01
C ASN B 76 -21.27 12.49 -7.34
N GLN B 77 -22.17 13.47 -7.29
CA GLN B 77 -22.72 14.11 -8.47
C GLN B 77 -21.86 15.33 -8.78
N VAL B 78 -21.54 15.51 -10.06
CA VAL B 78 -20.51 16.46 -10.48
C VAL B 78 -21.10 17.69 -11.22
N ASP B 79 -22.36 17.57 -11.63
CA ASP B 79 -23.09 18.63 -12.33
C ASP B 79 -22.95 19.97 -11.60
N PRO B 80 -22.39 21.00 -12.28
CA PRO B 80 -22.13 22.32 -11.66
C PRO B 80 -23.38 23.00 -11.09
N GLU B 81 -24.56 22.58 -11.56
CA GLU B 81 -25.83 23.01 -11.02
C GLU B 81 -26.27 22.13 -9.83
N THR B 82 -26.38 20.82 -10.07
CA THR B 82 -26.94 19.88 -9.08
C THR B 82 -25.93 18.91 -8.47
N HIS B 83 -24.74 19.41 -8.15
CA HIS B 83 -23.70 18.60 -7.50
C HIS B 83 -24.02 18.34 -6.03
N CYS B 84 -23.62 17.15 -5.55
CA CYS B 84 -23.84 16.78 -4.15
C CYS B 84 -23.03 15.54 -3.78
N HIS B 85 -22.24 15.64 -2.70
CA HIS B 85 -21.43 14.51 -2.26
C HIS B 85 -22.33 13.28 -2.13
N ALA B 86 -21.73 12.11 -2.25
CA ALA B 86 -22.43 10.81 -2.20
C ALA B 86 -23.38 10.68 -1.01
N GLU B 87 -22.93 11.15 0.15
CA GLU B 87 -23.68 11.06 1.41
C GLU B 87 -24.98 11.85 1.30
N ARG B 88 -24.86 13.07 0.79
CA ARG B 88 -25.99 13.94 0.52
C ARG B 88 -26.91 13.34 -0.52
N CYS B 89 -26.33 12.73 -1.57
CA CYS B 89 -27.16 12.12 -2.61
C CYS B 89 -27.93 10.92 -2.02
N PHE B 90 -27.32 10.18 -1.10
CA PHE B 90 -28.04 9.11 -0.40
C PHE B 90 -29.22 9.68 0.38
N LEU B 91 -28.96 10.76 1.12
CA LEU B 91 -29.96 11.39 1.96
C LEU B 91 -31.15 11.86 1.16
N SER B 92 -30.89 12.49 0.01
CA SER B 92 -31.95 13.02 -0.83
C SER B 92 -32.84 11.92 -1.39
N TRP B 93 -32.22 10.85 -1.89
CA TRP B 93 -32.94 9.68 -2.40
C TRP B 93 -33.78 9.02 -1.32
N PHE B 94 -33.20 8.85 -0.14
CA PHE B 94 -33.86 8.21 0.98
C PHE B 94 -35.10 9.01 1.41
N CYS B 95 -34.93 10.31 1.67
CA CYS B 95 -36.02 11.22 2.08
C CYS B 95 -37.14 11.37 1.05
N ASP B 96 -36.76 11.51 -0.21
CA ASP B 96 -37.72 11.75 -1.28
C ASP B 96 -38.50 10.50 -1.68
N ASP B 97 -37.81 9.37 -1.85
CA ASP B 97 -38.41 8.19 -2.48
C ASP B 97 -38.73 7.01 -1.56
N ILE B 98 -38.05 6.92 -0.42
CA ILE B 98 -38.10 5.71 0.40
C ILE B 98 -38.87 5.91 1.70
N LEU B 99 -38.45 6.93 2.45
CA LEU B 99 -38.94 7.18 3.80
C LEU B 99 -40.47 7.21 3.89
N SER B 100 -41.01 6.30 4.70
CA SER B 100 -42.45 6.16 4.92
C SER B 100 -42.76 6.30 6.41
N PRO B 101 -44.01 6.71 6.78
CA PRO B 101 -44.30 7.10 8.17
C PRO B 101 -43.99 6.09 9.31
N ASN B 102 -44.67 4.95 9.33
CA ASN B 102 -44.60 4.01 10.46
C ASN B 102 -43.66 2.85 10.15
N THR B 103 -42.46 3.18 9.65
CA THR B 103 -41.48 2.20 9.22
C THR B 103 -40.15 2.45 9.96
N ASN B 104 -39.47 1.37 10.36
CA ASN B 104 -38.11 1.44 10.88
C ASN B 104 -37.08 1.00 9.85
N TYR B 105 -35.92 1.66 9.89
CA TYR B 105 -34.87 1.44 8.90
C TYR B 105 -33.52 1.18 9.57
N GLU B 106 -32.88 0.11 9.14
CA GLU B 106 -31.57 -0.28 9.63
C GLU B 106 -30.60 -0.15 8.48
N VAL B 107 -29.83 0.93 8.48
CA VAL B 107 -28.99 1.28 7.33
C VAL B 107 -27.50 1.07 7.63
N THR B 108 -26.81 0.42 6.69
CA THR B 108 -25.36 0.28 6.77
C THR B 108 -24.71 0.92 5.54
N TRP B 109 -23.74 1.81 5.78
CA TRP B 109 -22.89 2.34 4.72
C TRP B 109 -21.52 1.72 4.73
N TYR B 110 -20.98 1.49 3.54
CA TYR B 110 -19.58 1.16 3.34
C TYR B 110 -19.01 2.23 2.41
N THR B 111 -18.24 3.13 3.00
CA THR B 111 -17.73 4.28 2.26
C THR B 111 -16.22 4.19 2.03
N SER B 112 -15.79 4.64 0.86
CA SER B 112 -14.35 4.63 0.53
C SER B 112 -13.58 5.71 1.32
N TRP B 113 -14.22 6.86 1.52
CA TRP B 113 -13.69 7.96 2.34
C TRP B 113 -14.72 8.28 3.42
N SER B 114 -14.27 8.65 4.63
CA SER B 114 -15.17 9.13 5.67
C SER B 114 -15.71 10.54 5.29
N PRO B 115 -16.86 10.95 5.87
CA PRO B 115 -17.52 12.18 5.39
C PRO B 115 -16.79 13.48 5.73
N CYS B 116 -16.94 14.50 4.87
CA CYS B 116 -16.51 15.88 5.17
C CYS B 116 -17.42 16.50 6.27
N PRO B 117 -17.00 17.64 6.89
CA PRO B 117 -17.83 18.23 7.96
C PRO B 117 -19.25 18.61 7.57
N GLU B 118 -19.45 19.13 6.35
CA GLU B 118 -20.79 19.49 5.88
C GLU B 118 -21.68 18.26 5.74
N CYS B 119 -21.14 17.21 5.12
CA CYS B 119 -21.86 15.93 4.98
C CYS B 119 -22.17 15.29 6.33
N ALA B 120 -21.17 15.27 7.22
CA ALA B 120 -21.37 14.75 8.57
C ALA B 120 -22.48 15.52 9.29
N GLY B 121 -22.44 16.86 9.16
CA GLY B 121 -23.46 17.75 9.74
C GLY B 121 -24.87 17.45 9.26
N GLU B 122 -25.03 17.26 7.95
CA GLU B 122 -26.32 16.94 7.37
C GLU B 122 -26.83 15.56 7.80
N VAL B 123 -25.94 14.57 7.80
CA VAL B 123 -26.30 13.22 8.23
C VAL B 123 -26.71 13.22 9.71
N ALA B 124 -25.91 13.88 10.57
CA ALA B 124 -26.19 13.94 12.01
C ALA B 124 -27.54 14.61 12.31
N GLU B 125 -27.81 15.74 11.65
CA GLU B 125 -29.11 16.41 11.75
C GLU B 125 -30.25 15.50 11.25
N PHE B 126 -30.01 14.82 10.13
CA PHE B 126 -30.97 13.88 9.57
C PHE B 126 -31.34 12.79 10.58
N LEU B 127 -30.33 12.22 11.23
CA LEU B 127 -30.56 11.21 12.28
C LEU B 127 -31.34 11.74 13.48
N ALA B 128 -31.04 12.98 13.88
CA ALA B 128 -31.76 13.65 14.98
C ALA B 128 -33.25 13.85 14.66
N ARG B 129 -33.56 14.05 13.38
CA ARG B 129 -34.92 14.32 12.94
C ARG B 129 -35.71 13.05 12.62
N HIS B 130 -35.01 11.92 12.50
CA HIS B 130 -35.64 10.64 12.17
C HIS B 130 -35.16 9.53 13.11
N SER B 131 -35.89 9.36 14.22
CA SER B 131 -35.57 8.36 15.24
C SER B 131 -35.78 6.92 14.74
N ASN B 132 -36.61 6.77 13.72
CA ASN B 132 -36.88 5.47 13.08
C ASN B 132 -35.74 4.96 12.16
N VAL B 133 -34.70 5.78 12.00
CA VAL B 133 -33.53 5.41 11.18
C VAL B 133 -32.31 5.13 12.06
N ASN B 134 -31.77 3.92 11.95
CA ASN B 134 -30.49 3.59 12.57
C ASN B 134 -29.40 3.40 11.51
N LEU B 135 -28.29 4.13 11.68
CA LEU B 135 -27.19 4.14 10.71
C LEU B 135 -25.88 3.62 11.29
N THR B 136 -25.26 2.69 10.57
CA THR B 136 -23.91 2.22 10.84
C THR B 136 -23.01 2.59 9.65
N ILE B 137 -21.87 3.21 9.92
CA ILE B 137 -20.93 3.59 8.87
C ILE B 137 -19.61 2.83 9.03
N PHE B 138 -19.26 2.02 8.04
CA PHE B 138 -17.91 1.44 7.93
C PHE B 138 -17.17 2.22 6.85
N THR B 139 -15.99 2.74 7.18
CA THR B 139 -15.20 3.47 6.20
C THR B 139 -13.84 2.81 5.92
N ALA B 140 -13.44 2.83 4.65
CA ALA B 140 -12.16 2.25 4.25
C ALA B 140 -11.00 3.07 4.78
N ARG B 141 -11.14 4.39 4.68
CA ARG B 141 -10.10 5.35 4.98
C ARG B 141 -10.70 6.50 5.76
N LEU B 142 -9.87 7.19 6.55
CA LEU B 142 -10.31 8.39 7.23
C LEU B 142 -9.83 9.60 6.44
N TYR B 143 -10.81 10.38 5.97
CA TYR B 143 -10.58 11.56 5.15
C TYR B 143 -10.19 12.74 6.03
N TYR B 144 -8.99 13.28 5.84
CA TYR B 144 -8.41 14.37 6.66
C TYR B 144 -8.50 14.08 8.16
N PHE B 145 -8.08 12.89 8.58
CA PHE B 145 -8.17 12.50 10.00
C PHE B 145 -7.46 13.45 10.96
N TRP B 146 -6.51 14.22 10.42
CA TRP B 146 -5.70 15.17 11.21
C TRP B 146 -6.37 16.54 11.41
N ASP B 147 -7.34 16.86 10.55
CA ASP B 147 -8.05 18.15 10.60
C ASP B 147 -9.12 18.13 11.68
N THR B 148 -9.07 19.12 12.56
CA THR B 148 -10.02 19.28 13.67
C THR B 148 -11.50 19.28 13.24
N ASP B 149 -11.79 19.95 12.12
CA ASP B 149 -13.17 20.05 11.60
C ASP B 149 -13.73 18.72 11.09
N TYR B 150 -12.87 17.92 10.48
CA TYR B 150 -13.27 16.60 10.00
C TYR B 150 -13.47 15.63 11.17
N GLN B 151 -12.61 15.75 12.18
CA GLN B 151 -12.72 14.98 13.43
C GLN B 151 -14.03 15.28 14.16
N GLU B 152 -14.35 16.57 14.24
CA GLU B 152 -15.58 17.06 14.85
C GLU B 152 -16.80 16.43 14.20
N GLY B 153 -16.77 16.35 12.86
CA GLY B 153 -17.84 15.77 12.07
C GLY B 153 -18.09 14.32 12.43
N LEU B 154 -17.01 13.57 12.65
CA LEU B 154 -17.10 12.16 13.02
C LEU B 154 -17.68 12.00 14.41
N ARG B 155 -17.24 12.85 15.34
CA ARG B 155 -17.79 12.91 16.69
C ARG B 155 -19.28 13.26 16.67
N SER B 156 -19.64 14.20 15.81
CA SER B 156 -21.01 14.68 15.64
C SER B 156 -21.93 13.52 15.24
N LEU B 157 -21.46 12.71 14.28
CA LEU B 157 -22.17 11.51 13.81
C LEU B 157 -22.38 10.52 14.94
N SER B 158 -21.30 10.22 15.66
CA SER B 158 -21.33 9.23 16.72
C SER B 158 -22.27 9.62 17.88
N GLN B 159 -22.24 10.91 18.24
CA GLN B 159 -23.12 11.45 19.28
C GLN B 159 -24.60 11.31 18.95
N GLU B 160 -24.96 11.49 17.67
CA GLU B 160 -26.35 11.32 17.25
C GLU B 160 -26.77 9.85 17.08
N GLY B 161 -25.87 8.93 17.40
CA GLY B 161 -26.18 7.52 17.43
C GLY B 161 -25.73 6.72 16.22
N ALA B 162 -25.03 7.36 15.29
CA ALA B 162 -24.40 6.65 14.18
C ALA B 162 -23.20 5.88 14.71
N SER B 163 -23.16 4.59 14.41
CA SER B 163 -22.01 3.77 14.76
C SER B 163 -20.97 3.97 13.66
N VAL B 164 -19.81 4.52 14.02
CA VAL B 164 -18.75 4.85 13.06
C VAL B 164 -17.58 3.90 13.27
N GLU B 165 -17.22 3.19 12.20
CA GLU B 165 -16.20 2.16 12.29
C GLU B 165 -15.36 2.07 11.02
N ILE B 166 -14.22 1.38 11.13
CA ILE B 166 -13.35 1.18 9.99
C ILE B 166 -13.63 -0.19 9.38
N GLY B 168 -13.00 -3.63 8.00
CA GLY B 168 -12.00 -4.69 8.11
C GLY B 168 -12.20 -5.68 6.97
N TYR B 169 -11.43 -6.76 7.04
CA TYR B 169 -11.50 -7.85 6.07
C TYR B 169 -12.94 -8.29 5.78
N LYS B 170 -13.74 -8.55 6.82
CA LYS B 170 -15.11 -9.00 6.56
C LYS B 170 -15.97 -8.03 5.75
N ASP B 171 -15.70 -6.74 5.91
CA ASP B 171 -16.45 -5.68 5.22
C ASP B 171 -16.00 -5.51 3.77
N PHE B 172 -14.69 -5.58 3.52
CA PHE B 172 -14.19 -5.51 2.14
C PHE B 172 -14.72 -6.73 1.37
N LYS B 173 -14.68 -7.89 2.01
CA LYS B 173 -15.18 -9.15 1.45
C LYS B 173 -16.68 -9.03 1.15
N TYR B 174 -17.45 -8.52 2.09
CA TYR B 174 -18.88 -8.31 1.89
C TYR B 174 -19.13 -7.37 0.69
N CYS B 175 -18.37 -6.28 0.60
CA CYS B 175 -18.51 -5.35 -0.53
C CYS B 175 -18.15 -5.97 -1.87
N TRP B 176 -17.05 -6.72 -1.90
CA TRP B 176 -16.64 -7.48 -3.08
C TRP B 176 -17.76 -8.42 -3.56
N GLU B 177 -18.44 -9.05 -2.62
CA GLU B 177 -19.47 -10.05 -2.96
C GLU B 177 -20.82 -9.45 -3.35
N ASN B 178 -21.09 -8.24 -2.87
CA ASN B 178 -22.41 -7.62 -3.01
C ASN B 178 -22.52 -6.34 -3.82
N PHE B 179 -21.41 -5.61 -3.98
CA PHE B 179 -21.46 -4.33 -4.71
C PHE B 179 -20.49 -4.28 -5.89
N VAL B 180 -19.92 -5.43 -6.25
CA VAL B 180 -18.91 -5.52 -7.31
C VAL B 180 -19.30 -6.62 -8.29
N TYR B 181 -19.12 -6.37 -9.58
CA TYR B 181 -19.21 -7.44 -10.59
C TYR B 181 -17.99 -8.33 -10.48
N ASN B 182 -18.00 -9.20 -9.48
CA ASN B 182 -16.83 -10.02 -9.18
C ASN B 182 -16.62 -11.18 -10.17
N ASP B 183 -17.64 -11.46 -10.99
CA ASP B 183 -17.59 -12.53 -12.00
C ASP B 183 -17.22 -13.87 -11.34
N ASP B 184 -17.78 -14.09 -10.15
CA ASP B 184 -17.54 -15.27 -9.31
C ASP B 184 -16.11 -15.45 -8.79
N GLU B 185 -15.24 -14.47 -9.02
CA GLU B 185 -13.88 -14.52 -8.48
C GLU B 185 -13.90 -14.26 -6.96
N PRO B 186 -13.07 -15.00 -6.18
CA PRO B 186 -13.07 -14.79 -4.73
C PRO B 186 -12.36 -13.48 -4.35
N PHE B 187 -12.74 -12.88 -3.23
CA PHE B 187 -12.10 -11.65 -2.78
C PHE B 187 -10.63 -11.93 -2.50
N LYS B 188 -9.76 -11.08 -3.04
CA LYS B 188 -8.32 -11.22 -2.81
C LYS B 188 -7.85 -10.07 -1.90
N PRO B 189 -7.63 -10.33 -0.60
CA PRO B 189 -7.21 -9.24 0.30
C PRO B 189 -5.82 -8.75 -0.09
N TRP B 190 -5.60 -7.45 -0.04
CA TRP B 190 -4.30 -6.91 -0.42
C TRP B 190 -3.34 -6.96 0.75
N LYS B 191 -2.04 -6.86 0.43
CA LYS B 191 -0.98 -6.77 1.43
C LYS B 191 -1.24 -5.58 2.34
N GLY B 192 -1.18 -5.84 3.65
CA GLY B 192 -1.31 -4.80 4.66
C GLY B 192 -2.73 -4.44 5.07
N LEU B 193 -3.74 -5.12 4.50
CA LEU B 193 -5.15 -4.81 4.79
C LEU B 193 -5.46 -4.75 6.31
N LYS B 194 -5.16 -5.85 7.02
CA LYS B 194 -5.46 -5.96 8.45
C LYS B 194 -4.63 -4.97 9.26
N TYR B 195 -3.36 -4.82 8.90
CA TYR B 195 -2.47 -3.84 9.52
C TYR B 195 -3.02 -2.42 9.39
N ASN B 196 -3.49 -2.08 8.19
CA ASN B 196 -4.05 -0.78 7.91
C ASN B 196 -5.33 -0.55 8.71
N PHE B 197 -6.14 -1.61 8.82
CA PHE B 197 -7.35 -1.59 9.63
C PHE B 197 -7.04 -1.23 11.07
N LEU B 198 -6.01 -1.85 11.64
CA LEU B 198 -5.61 -1.59 13.04
C LEU B 198 -5.12 -0.16 13.24
N PHE B 199 -4.30 0.33 12.32
CA PHE B 199 -3.84 1.71 12.37
C PHE B 199 -5.00 2.71 12.36
N LEU B 200 -5.96 2.51 11.44
CA LEU B 200 -7.10 3.40 11.35
C LEU B 200 -8.05 3.27 12.51
N ASP B 201 -8.23 2.03 13.00
CA ASP B 201 -9.13 1.78 14.14
C ASP B 201 -8.61 2.50 15.38
N SER B 202 -7.29 2.45 15.58
CA SER B 202 -6.63 3.19 16.65
C SER B 202 -6.84 4.70 16.54
N LYS B 203 -6.67 5.24 15.32
CA LYS B 203 -6.83 6.66 15.06
C LYS B 203 -8.28 7.13 15.27
N LEU B 204 -9.25 6.31 14.84
CA LEU B 204 -10.66 6.62 15.06
C LEU B 204 -11.02 6.67 16.54
N GLN B 205 -10.44 5.76 17.32
CA GLN B 205 -10.71 5.72 18.77
C GLN B 205 -10.18 6.95 19.50
N GLU B 206 -8.99 7.41 19.11
CA GLU B 206 -8.45 8.71 19.55
C GLU B 206 -9.45 9.83 19.29
N ILE B 207 -9.97 9.89 18.07
CA ILE B 207 -10.93 10.91 17.63
C ILE B 207 -12.24 10.86 18.42
N LEU B 208 -12.75 9.65 18.65
CA LEU B 208 -14.06 9.47 19.27
C LEU B 208 -14.05 9.56 20.79
N GLU B 209 -12.89 9.38 21.41
CA GLU B 209 -12.78 9.48 22.87
C GLU B 209 -12.46 10.90 23.29
#